data_8ZHG
#
_entry.id   8ZHG
#
_cell.length_a   1.00
_cell.length_b   1.00
_cell.length_c   1.00
_cell.angle_alpha   90.00
_cell.angle_beta   90.00
_cell.angle_gamma   90.00
#
_symmetry.space_group_name_H-M   'P 1'
#
loop_
_entity.id
_entity.type
_entity.pdbx_description
1 polymer 'Spike glycoprotein,Fibritin,Expression Tag'
2 polymer 'Heavy chain of R1-26 Fab'
3 polymer 'Light chain of R1-26 Fab'
4 branched 2-acetamido-2-deoxy-beta-D-glucopyranose-(1-4)-2-acetamido-2-deoxy-beta-D-glucopyranose
#
loop_
_entity_poly.entity_id
_entity_poly.type
_entity_poly.pdbx_seq_one_letter_code
_entity_poly.pdbx_strand_id
1 'polypeptide(L)'
;VSSQCVNLTTRTQLPPAYTNSFTRGVYYPDKVFRSSVLHSTQDLFLPFFSNVTWFHAIHVSGTNGTKRFDNPVLPFNDGV
YFASTEKSNIIRGWIFGTTLDSKTQSLLIVNNATNVVIKVCEFQFCNDPFLGVYYHKNNKSWMESEFRVYSSANNCTFEY
VSQPFLMDLEGKQGNFKNLREFVFKNIDGYFKIYSKHTPINLVRDLPQGFSALEPLVDLPIGINITRFQTLLALHRSYLT
PGDSSSGWTAGAAAYYVGYLQPRTFLLKYNENGTITDAVDCALDPLSETKCTLKSFTVEKGIYQTSNFRVQPTESIVRFP
NITNLCPFGEVFNATRFASVYAWNRKRISNCVADYSVLYNSASFSTFKCYGVSPTKLNDLCFTNVYADSFVIRGDEVRQI
APGQTGKIADYNYKLPDDFTGCVIAWNSNNLDSKVGGNYNYLYRLFRKSNLKPFERDISTEIYQAGSTPCNGVEGFNCYF
PLQSYGFQPTNGVGYQPYRVVVLSFELLHAPATVCGPKKSTNLVKNKCVNFNFNGLTGTGVLTESNKKFLPFQQFGRDIA
DTTDAVRDPQTLEILDITPCSFGGVSVITPGTNTSNQVAVLYQDVNCTEVPVAIHADQLTPTWRVYSTGSNVFQTRAGCL
IGAEHVNNSYECDIPIGAGICASYQTQTNSPGSASSVASQSIIAYTMSLGAENSVAYSNNSIAIPTNFTISVTTEILPVS
MTKTSVDCTMYICGDSTECSNLLLQYGSFCTQLNRALTGIAVEQDKNTQEVFAQVKQIYKTPPIKDFGGFNFSQILPDPS
KPSKRSPIEDLLFNKVTLADAGFIKQYGDCLGDIAARDLICAQKFNGLTVLPPLLTDEMIAQYTSALLAGTITSGWTFGA
GPALQIPFPMQMAYRFNGIGVTQNVLYENQKLIANQFNSAIGKIQDSLSSTPSALGKLQDVVNQNAQALNTLVKQLSSNF
GAISSVLNDILSRLDPPEAEVQIDRLITGRLQSLQTYVTQQLIRAAEIRASANLAATKMSECVLGQSKRVDFCGKGYHLM
SFPQSAPHGVVFLHVTYVPAQEKNFTTAPAICHDGKAHFPREGVFVSNGTHWFVTQRNFYEPQIITTDNTFVSGNCDVVI
GIVNNTVYDPLQPELDSFKEELDKYFKNHTSPDVDLGDISGINASVVNIQKEIDRLNEVAKNLNESLIDLQELGKYEQGS
GYIPEAPRDGQAYVRKDGEWVLLSTFLGRSLEVLFQGPGHHHHHHHHSAWSHPQFEKGGGSGGGGSGGSAWSHPQFEK
;
C
2 'polypeptide(L)'
;MGWSLILLFLVAVATRVLSEVQLVESGGGLVQPGGSLRLSCAASGFTFSSYWMSWVRQAPGKGLEWVANIKQDGSEKYYV
DSVKGRFTISRDNAKNSLYLQMNSLRAEDTAVYYCARGQLGPWVGVDYWGQGTLVTVSS
;
H
3 'polypeptide(L)'
;MGWSCIILFLVATATGVNFMLTQPHSVSESPGKTVTISCTGSSGSIASNYVQWYQQRPGSAPTTVIYEDNQRPSGVPDRF
SGSIDSSSNSASLTISGLKTEDEADYYCQSYDSSNWVFGGGTQLTV
;
L
#
# COMPACT_ATOMS: atom_id res chain seq x y z
N THR A 323 -1.13 -17.04 -25.30
CA THR A 323 -1.26 -17.74 -24.03
C THR A 323 -2.61 -17.47 -23.39
N ASN A 324 -3.32 -18.54 -23.03
CA ASN A 324 -4.61 -18.42 -22.35
C ASN A 324 -4.47 -17.70 -21.03
N LEU A 325 -5.22 -16.61 -20.87
CA LEU A 325 -5.10 -15.71 -19.74
C LEU A 325 -6.19 -16.01 -18.71
N CYS A 326 -5.79 -16.03 -17.44
CA CYS A 326 -6.74 -16.36 -16.37
C CYS A 326 -7.81 -15.26 -16.26
N PRO A 327 -9.07 -15.64 -15.99
CA PRO A 327 -10.15 -14.65 -15.95
C PRO A 327 -10.12 -13.76 -14.72
N PHE A 328 -9.03 -13.02 -14.52
CA PHE A 328 -8.93 -12.06 -13.43
C PHE A 328 -9.94 -10.92 -13.56
N GLY A 329 -10.52 -10.71 -14.75
CA GLY A 329 -11.45 -9.61 -14.92
C GLY A 329 -12.75 -9.81 -14.16
N GLU A 330 -13.36 -10.98 -14.30
CA GLU A 330 -14.67 -11.20 -13.68
C GLU A 330 -14.57 -11.32 -12.16
N VAL A 331 -13.39 -11.63 -11.62
CA VAL A 331 -13.22 -11.66 -10.18
C VAL A 331 -13.31 -10.26 -9.59
N PHE A 332 -12.63 -9.29 -10.22
CA PHE A 332 -12.59 -7.93 -9.73
C PHE A 332 -13.69 -7.05 -10.33
N ASN A 333 -13.93 -7.16 -11.63
CA ASN A 333 -14.95 -6.36 -12.30
C ASN A 333 -16.29 -7.11 -12.28
N ALA A 334 -16.79 -7.35 -11.08
CA ALA A 334 -18.04 -8.06 -10.87
C ALA A 334 -19.14 -7.06 -10.52
N THR A 335 -20.29 -7.19 -11.20
CA THR A 335 -21.40 -6.28 -10.95
C THR A 335 -22.00 -6.49 -9.56
N ARG A 336 -22.10 -7.74 -9.12
CA ARG A 336 -22.69 -8.07 -7.83
C ARG A 336 -21.64 -8.68 -6.92
N PHE A 337 -21.66 -8.26 -5.65
CA PHE A 337 -20.77 -8.79 -4.63
C PHE A 337 -21.60 -9.36 -3.48
N ALA A 338 -21.23 -10.54 -3.01
CA ALA A 338 -21.97 -11.19 -1.95
C ALA A 338 -21.58 -10.62 -0.59
N SER A 339 -22.34 -11.02 0.43
CA SER A 339 -22.14 -10.53 1.78
C SER A 339 -20.90 -11.19 2.42
N VAL A 340 -20.49 -10.65 3.56
CA VAL A 340 -19.31 -11.17 4.25
C VAL A 340 -19.57 -12.55 4.84
N TYR A 341 -20.79 -12.79 5.34
CA TYR A 341 -21.12 -14.09 5.91
C TYR A 341 -21.38 -15.15 4.84
N ALA A 342 -21.53 -14.75 3.58
CA ALA A 342 -21.78 -15.66 2.47
C ALA A 342 -20.76 -15.41 1.36
N TRP A 343 -19.48 -15.34 1.74
CA TRP A 343 -18.42 -15.05 0.80
C TRP A 343 -18.25 -16.19 -0.21
N ASN A 344 -18.05 -15.82 -1.47
CA ASN A 344 -17.92 -16.80 -2.54
C ASN A 344 -16.51 -17.39 -2.57
N ARG A 345 -16.37 -18.49 -3.29
CA ARG A 345 -15.07 -19.13 -3.49
C ARG A 345 -15.00 -19.64 -4.92
N LYS A 346 -14.03 -19.12 -5.68
CA LYS A 346 -13.85 -19.50 -7.07
C LYS A 346 -12.39 -19.89 -7.29
N ARG A 347 -12.17 -21.06 -7.87
CA ARG A 347 -10.84 -21.54 -8.20
C ARG A 347 -10.54 -21.32 -9.68
N ILE A 348 -9.25 -21.21 -9.99
CA ILE A 348 -8.78 -21.00 -11.35
C ILE A 348 -7.59 -21.90 -11.61
N SER A 349 -7.58 -22.55 -12.77
CA SER A 349 -6.49 -23.45 -13.13
C SER A 349 -6.35 -23.49 -14.64
N ASN A 350 -5.15 -23.91 -15.07
CA ASN A 350 -4.83 -24.13 -16.49
C ASN A 350 -4.99 -22.85 -17.31
N CYS A 351 -4.21 -21.84 -16.93
CA CYS A 351 -4.13 -20.58 -17.69
C CYS A 351 -2.78 -19.94 -17.39
N VAL A 352 -2.64 -18.67 -17.75
CA VAL A 352 -1.44 -17.90 -17.49
C VAL A 352 -1.83 -16.70 -16.65
N ALA A 353 -1.28 -16.61 -15.44
CA ALA A 353 -1.62 -15.53 -14.52
C ALA A 353 -1.00 -14.22 -14.99
N ASP A 354 -1.73 -13.12 -14.78
CA ASP A 354 -1.27 -11.78 -15.13
C ASP A 354 -1.34 -10.92 -13.87
N TYR A 355 -0.24 -10.88 -13.12
CA TYR A 355 -0.13 -9.98 -12.00
C TYR A 355 0.27 -8.57 -12.41
N SER A 356 0.67 -8.38 -13.67
CA SER A 356 1.09 -7.07 -14.15
C SER A 356 -0.05 -6.07 -14.20
N VAL A 357 -1.29 -6.53 -14.30
CA VAL A 357 -2.44 -5.63 -14.26
C VAL A 357 -2.84 -5.28 -12.83
N LEU A 358 -2.32 -6.01 -11.84
CA LEU A 358 -2.71 -5.78 -10.46
C LEU A 358 -1.90 -4.65 -9.83
N TYR A 359 -0.57 -4.78 -9.84
CA TYR A 359 0.26 -3.81 -9.14
C TYR A 359 0.53 -2.55 -9.96
N ASN A 360 0.10 -2.50 -11.22
CA ASN A 360 0.27 -1.31 -12.05
C ASN A 360 -0.93 -0.37 -11.97
N SER A 361 -1.90 -0.67 -11.12
CA SER A 361 -3.06 0.19 -10.94
C SER A 361 -2.95 0.96 -9.63
N ALA A 362 -3.90 1.87 -9.41
CA ALA A 362 -3.91 2.67 -8.19
C ALA A 362 -5.30 2.82 -7.60
N SER A 363 -6.31 2.10 -8.10
CA SER A 363 -7.65 2.22 -7.56
C SER A 363 -7.78 1.51 -6.21
N PHE A 364 -6.97 0.49 -5.97
CA PHE A 364 -7.02 -0.23 -4.71
C PHE A 364 -6.37 0.59 -3.60
N SER A 365 -6.75 0.26 -2.35
CA SER A 365 -6.21 0.94 -1.18
C SER A 365 -5.29 0.06 -0.34
N THR A 366 -5.40 -1.26 -0.45
CA THR A 366 -4.52 -2.17 0.28
C THR A 366 -4.05 -3.27 -0.65
N PHE A 367 -2.73 -3.34 -0.85
CA PHE A 367 -2.10 -4.45 -1.58
C PHE A 367 -0.97 -4.96 -0.69
N LYS A 368 -1.32 -5.84 0.23
CA LYS A 368 -0.37 -6.50 1.11
C LYS A 368 -0.40 -8.00 0.85
N CYS A 369 0.79 -8.60 0.75
CA CYS A 369 0.92 -10.02 0.49
C CYS A 369 1.65 -10.66 1.66
N TYR A 370 1.01 -11.66 2.28
CA TYR A 370 1.56 -12.35 3.43
C TYR A 370 2.18 -13.66 2.97
N GLY A 371 3.41 -13.91 3.40
CA GLY A 371 4.09 -15.15 3.06
C GLY A 371 4.87 -15.13 1.76
N VAL A 372 4.28 -14.59 0.71
CA VAL A 372 4.93 -14.49 -0.60
C VAL A 372 5.14 -13.01 -0.90
N SER A 373 6.39 -12.64 -1.17
CA SER A 373 6.68 -11.26 -1.50
C SER A 373 6.18 -10.94 -2.90
N PRO A 374 5.65 -9.73 -3.13
CA PRO A 374 5.17 -9.37 -4.48
C PRO A 374 6.29 -9.14 -5.49
N THR A 375 7.54 -9.05 -5.04
CA THR A 375 8.65 -8.84 -5.97
C THR A 375 8.84 -10.04 -6.90
N LYS A 376 8.73 -11.26 -6.37
CA LYS A 376 8.87 -12.48 -7.15
C LYS A 376 7.52 -13.08 -7.54
N LEU A 377 6.43 -12.32 -7.42
CA LEU A 377 5.11 -12.81 -7.79
C LEU A 377 5.06 -13.26 -9.25
N ASN A 378 5.78 -12.58 -10.14
CA ASN A 378 5.80 -12.96 -11.54
C ASN A 378 6.74 -14.12 -11.83
N ASP A 379 7.53 -14.56 -10.85
CA ASP A 379 8.42 -15.70 -11.01
C ASP A 379 7.96 -16.93 -10.23
N LEU A 380 7.63 -16.77 -8.96
CA LEU A 380 7.08 -17.87 -8.18
C LEU A 380 5.66 -18.19 -8.65
N CYS A 381 5.41 -19.47 -8.90
CA CYS A 381 4.18 -19.89 -9.56
C CYS A 381 3.82 -21.30 -9.13
N PHE A 382 2.52 -21.52 -8.90
CA PHE A 382 2.01 -22.72 -8.23
C PHE A 382 0.93 -23.40 -9.06
N THR A 383 0.21 -24.35 -8.46
CA THR A 383 -0.77 -25.13 -9.20
C THR A 383 -2.20 -24.61 -9.08
N ASN A 384 -2.62 -24.13 -7.90
CA ASN A 384 -3.99 -23.71 -7.68
C ASN A 384 -4.02 -22.34 -7.04
N VAL A 385 -5.00 -21.53 -7.43
CA VAL A 385 -5.24 -20.20 -6.88
C VAL A 385 -6.70 -20.09 -6.48
N TYR A 386 -6.96 -19.66 -5.25
CA TYR A 386 -8.31 -19.47 -4.75
C TYR A 386 -8.58 -17.99 -4.55
N ALA A 387 -9.80 -17.56 -4.88
CA ALA A 387 -10.20 -16.16 -4.79
C ALA A 387 -11.52 -16.04 -4.04
N ASP A 388 -11.62 -14.99 -3.21
CA ASP A 388 -12.82 -14.70 -2.46
C ASP A 388 -13.23 -13.26 -2.72
N SER A 389 -14.48 -12.93 -2.35
CA SER A 389 -15.01 -11.59 -2.57
C SER A 389 -16.15 -11.33 -1.60
N PHE A 390 -16.07 -10.22 -0.87
CA PHE A 390 -17.11 -9.81 0.07
C PHE A 390 -16.97 -8.33 0.33
N VAL A 391 -17.97 -7.77 1.02
CA VAL A 391 -18.07 -6.33 1.24
C VAL A 391 -18.05 -6.04 2.74
N ILE A 392 -17.15 -5.16 3.15
CA ILE A 392 -17.06 -4.66 4.52
C ILE A 392 -16.92 -3.14 4.46
N ARG A 393 -16.73 -2.53 5.63
CA ARG A 393 -16.48 -1.10 5.72
C ARG A 393 -15.03 -0.86 6.14
N GLY A 394 -14.69 0.43 6.33
CA GLY A 394 -13.30 0.84 6.46
C GLY A 394 -12.65 0.57 7.80
N ASP A 395 -13.43 0.35 8.85
CA ASP A 395 -12.84 0.18 10.17
C ASP A 395 -12.39 -1.25 10.46
N GLU A 396 -12.76 -2.22 9.61
CA GLU A 396 -12.36 -3.61 9.82
C GLU A 396 -11.50 -4.15 8.68
N VAL A 397 -10.83 -3.28 7.93
CA VAL A 397 -9.89 -3.76 6.91
C VAL A 397 -8.68 -4.39 7.57
N ARG A 398 -8.21 -3.82 8.69
CA ARG A 398 -7.13 -4.43 9.45
C ARG A 398 -7.55 -5.75 10.09
N GLN A 399 -8.87 -5.96 10.26
CA GLN A 399 -9.38 -7.18 10.85
C GLN A 399 -9.27 -8.36 9.89
N ILE A 400 -9.18 -8.09 8.57
CA ILE A 400 -9.02 -9.14 7.58
C ILE A 400 -7.64 -9.79 7.68
N ALA A 401 -6.64 -9.03 8.12
CA ALA A 401 -5.29 -9.56 8.25
C ALA A 401 -5.24 -10.68 9.28
N PRO A 402 -4.33 -11.64 9.12
CA PRO A 402 -4.25 -12.75 10.09
C PRO A 402 -3.68 -12.31 11.42
N GLY A 403 -4.30 -12.79 12.50
CA GLY A 403 -3.76 -12.59 13.83
C GLY A 403 -4.64 -11.79 14.78
N GLN A 404 -5.23 -10.71 14.31
CA GLN A 404 -6.05 -9.86 15.16
C GLN A 404 -7.50 -10.33 15.19
N THR A 405 -8.25 -9.80 16.15
CA THR A 405 -9.61 -10.21 16.44
C THR A 405 -10.61 -9.14 16.03
N GLY A 406 -11.88 -9.49 16.08
CA GLY A 406 -12.93 -8.55 15.77
C GLY A 406 -14.18 -9.26 15.29
N LYS A 407 -15.22 -8.48 15.05
CA LYS A 407 -16.50 -9.01 14.60
C LYS A 407 -16.41 -9.63 13.21
N ILE A 408 -15.44 -9.24 12.41
CA ILE A 408 -15.19 -9.86 11.10
C ILE A 408 -14.08 -10.90 11.18
N ALA A 409 -13.45 -11.05 12.34
CA ALA A 409 -12.36 -12.02 12.52
C ALA A 409 -12.81 -13.26 13.29
N ASP A 410 -13.36 -13.09 14.49
CA ASP A 410 -13.89 -14.24 15.22
C ASP A 410 -15.26 -14.68 14.72
N TYR A 411 -15.93 -13.85 13.94
CA TYR A 411 -17.17 -14.22 13.26
C TYR A 411 -17.01 -13.96 11.77
N ASN A 412 -17.95 -14.52 10.99
CA ASN A 412 -17.95 -14.45 9.53
C ASN A 412 -16.66 -15.02 8.96
N TYR A 413 -15.82 -14.16 8.38
CA TYR A 413 -14.58 -14.61 7.79
C TYR A 413 -13.54 -14.91 8.87
N LYS A 414 -12.55 -15.73 8.49
CA LYS A 414 -11.46 -16.10 9.39
C LYS A 414 -10.28 -16.53 8.51
N LEU A 415 -9.07 -16.14 8.93
CA LEU A 415 -7.89 -16.40 8.13
C LEU A 415 -6.84 -17.18 8.92
N PRO A 416 -6.14 -18.13 8.29
CA PRO A 416 -5.09 -18.87 8.98
C PRO A 416 -3.85 -18.01 9.18
N ASP A 417 -2.95 -18.53 10.02
CA ASP A 417 -1.71 -17.84 10.37
C ASP A 417 -0.56 -18.21 9.44
N ASP A 418 -0.78 -19.09 8.47
CA ASP A 418 0.27 -19.54 7.55
C ASP A 418 -0.11 -19.23 6.11
N PHE A 419 -0.60 -18.02 5.87
CA PHE A 419 -1.06 -17.63 4.55
C PHE A 419 0.13 -17.33 3.64
N THR A 420 0.06 -17.79 2.39
CA THR A 420 1.02 -17.47 1.36
C THR A 420 0.37 -16.70 0.21
N GLY A 421 -0.61 -15.86 0.53
CA GLY A 421 -1.36 -15.15 -0.49
C GLY A 421 -1.34 -13.64 -0.39
N CYS A 422 -2.35 -12.98 -0.94
CA CYS A 422 -2.41 -11.53 -1.01
C CYS A 422 -3.83 -11.08 -0.68
N VAL A 423 -3.96 -9.82 -0.26
CA VAL A 423 -5.24 -9.22 0.10
C VAL A 423 -5.45 -7.96 -0.74
N ILE A 424 -6.62 -7.86 -1.37
CA ILE A 424 -6.98 -6.72 -2.21
C ILE A 424 -8.11 -5.97 -1.52
N ALA A 425 -8.02 -4.64 -1.53
CA ALA A 425 -9.07 -3.80 -0.96
C ALA A 425 -9.17 -2.49 -1.72
N TRP A 426 -10.38 -2.10 -2.07
CA TRP A 426 -10.64 -0.82 -2.74
C TRP A 426 -11.97 -0.26 -2.25
N ASN A 427 -12.14 1.05 -2.44
CA ASN A 427 -13.34 1.75 -2.04
C ASN A 427 -14.30 1.88 -3.22
N SER A 428 -15.55 1.47 -3.02
CA SER A 428 -16.62 1.61 -4.00
C SER A 428 -17.86 2.08 -3.26
N ASN A 429 -18.01 3.41 -3.15
CA ASN A 429 -19.10 4.00 -2.39
C ASN A 429 -20.35 4.22 -3.24
N ASN A 430 -20.19 4.83 -4.42
CA ASN A 430 -21.34 5.13 -5.27
C ASN A 430 -21.92 3.85 -5.88
N LEU A 431 -21.06 2.88 -6.20
CA LEU A 431 -21.53 1.66 -6.83
C LEU A 431 -22.29 0.76 -5.86
N ASP A 432 -21.88 0.75 -4.59
CA ASP A 432 -22.43 -0.17 -3.60
C ASP A 432 -23.41 0.51 -2.65
N SER A 433 -23.82 1.73 -2.93
CA SER A 433 -24.76 2.43 -2.04
C SER A 433 -25.50 3.49 -2.82
N LYS A 434 -26.70 3.82 -2.35
CA LYS A 434 -27.52 4.90 -2.91
C LYS A 434 -28.00 5.80 -1.77
N VAL A 435 -28.84 6.77 -2.13
CA VAL A 435 -29.27 7.78 -1.17
C VAL A 435 -30.18 7.17 -0.10
N GLY A 436 -31.04 6.22 -0.49
CA GLY A 436 -31.99 5.65 0.44
C GLY A 436 -31.40 4.73 1.49
N GLY A 437 -30.14 4.33 1.34
CA GLY A 437 -29.50 3.46 2.31
C GLY A 437 -29.61 1.99 1.95
N ASN A 438 -28.47 1.33 1.80
CA ASN A 438 -28.45 -0.08 1.44
C ASN A 438 -28.84 -0.94 2.64
N TYR A 439 -29.61 -2.01 2.36
CA TYR A 439 -30.02 -2.96 3.39
C TYR A 439 -29.86 -4.40 2.91
N ASN A 440 -29.10 -4.63 1.85
CA ASN A 440 -28.95 -5.95 1.25
C ASN A 440 -27.74 -6.72 1.77
N TYR A 441 -27.01 -6.19 2.73
CA TYR A 441 -25.81 -6.84 3.27
C TYR A 441 -26.05 -7.27 4.71
N LEU A 442 -25.60 -8.48 5.04
CA LEU A 442 -25.78 -9.05 6.36
C LEU A 442 -24.44 -9.56 6.90
N TYR A 443 -24.44 -9.87 8.19
CA TYR A 443 -23.23 -10.37 8.84
C TYR A 443 -23.63 -11.08 10.12
N ARG A 444 -22.81 -12.05 10.52
CA ARG A 444 -22.99 -12.77 11.77
C ARG A 444 -22.56 -11.88 12.93
N LEU A 445 -23.52 -11.47 13.75
CA LEU A 445 -23.19 -10.64 14.91
C LEU A 445 -22.48 -11.45 15.97
N PHE A 446 -22.96 -12.68 16.21
CA PHE A 446 -22.52 -13.51 17.32
C PHE A 446 -22.66 -14.98 17.00
N ARG A 447 -21.73 -15.77 17.53
CA ARG A 447 -21.69 -17.21 17.33
C ARG A 447 -21.48 -17.91 18.68
N LYS A 448 -21.73 -19.21 18.67
CA LYS A 448 -21.40 -20.05 19.83
C LYS A 448 -19.92 -19.94 20.19
N SER A 449 -19.04 -19.99 19.19
CA SER A 449 -17.60 -19.89 19.40
C SER A 449 -16.96 -19.34 18.13
N ASN A 450 -15.64 -19.38 18.06
CA ASN A 450 -14.94 -18.98 16.85
C ASN A 450 -14.96 -20.12 15.83
N LEU A 451 -14.47 -19.84 14.64
CA LEU A 451 -14.48 -20.80 13.55
C LEU A 451 -13.07 -21.32 13.27
N LYS A 452 -13.00 -22.32 12.40
CA LYS A 452 -11.74 -22.81 11.90
C LYS A 452 -11.12 -21.80 10.94
N PRO A 453 -9.80 -21.91 10.65
CA PRO A 453 -9.16 -21.01 9.68
C PRO A 453 -9.86 -20.86 8.33
N PHE A 454 -10.75 -21.80 7.98
CA PHE A 454 -11.53 -21.67 6.75
C PHE A 454 -12.86 -22.39 6.95
N GLU A 455 -13.91 -21.63 7.23
CA GLU A 455 -15.27 -22.15 7.28
C GLU A 455 -16.22 -21.15 6.62
N ARG A 456 -17.42 -21.64 6.31
CA ARG A 456 -18.51 -20.81 5.83
C ARG A 456 -19.72 -21.01 6.74
N ASP A 457 -20.35 -19.91 7.16
CA ASP A 457 -21.51 -19.94 8.03
C ASP A 457 -22.72 -19.42 7.26
N ILE A 458 -23.65 -20.31 6.95
CA ILE A 458 -24.86 -19.94 6.22
C ILE A 458 -26.11 -20.04 7.08
N SER A 459 -26.15 -20.95 8.06
CA SER A 459 -27.35 -21.17 8.87
C SER A 459 -27.66 -19.94 9.72
N THR A 460 -28.95 -19.65 9.86
CA THR A 460 -29.44 -18.48 10.58
C THR A 460 -30.15 -18.86 11.88
N GLU A 461 -29.61 -19.86 12.59
CA GLU A 461 -30.20 -20.32 13.83
C GLU A 461 -30.08 -19.26 14.92
N ILE A 462 -31.08 -19.25 15.81
CA ILE A 462 -31.11 -18.28 16.91
C ILE A 462 -30.02 -18.61 17.92
N TYR A 463 -29.44 -17.55 18.49
CA TYR A 463 -28.32 -17.71 19.44
C TYR A 463 -28.77 -18.40 20.71
N GLN A 464 -27.83 -19.11 21.34
CA GLN A 464 -28.09 -19.79 22.61
C GLN A 464 -27.45 -18.99 23.74
N ALA A 465 -28.28 -18.38 24.57
CA ALA A 465 -27.83 -17.72 25.79
C ALA A 465 -27.54 -18.78 26.86
N GLY A 466 -27.32 -18.32 28.10
CA GLY A 466 -27.17 -19.25 29.22
C GLY A 466 -28.40 -20.14 29.40
N SER A 467 -29.58 -19.57 29.19
CA SER A 467 -30.82 -20.33 29.09
C SER A 467 -31.50 -20.00 27.78
N THR A 468 -32.04 -21.01 27.10
CA THR A 468 -32.67 -20.86 25.79
C THR A 468 -34.07 -21.45 25.83
N PRO A 469 -35.05 -20.71 26.33
CA PRO A 469 -36.45 -21.18 26.33
C PRO A 469 -37.29 -20.67 25.16
N CYS A 470 -36.70 -19.97 24.20
CA CYS A 470 -37.49 -19.39 23.11
C CYS A 470 -37.99 -20.46 22.15
N ASN A 471 -37.12 -21.41 21.79
CA ASN A 471 -37.35 -22.52 20.85
C ASN A 471 -38.15 -22.14 19.61
N GLY A 472 -37.86 -20.97 19.03
CA GLY A 472 -38.50 -20.58 17.79
C GLY A 472 -38.98 -19.15 17.73
N VAL A 473 -38.95 -18.44 18.86
CA VAL A 473 -39.39 -17.06 18.92
C VAL A 473 -38.17 -16.16 19.13
N GLU A 474 -38.39 -14.86 18.99
CA GLU A 474 -37.33 -13.85 19.08
C GLU A 474 -37.53 -12.94 20.29
N GLY A 475 -37.88 -13.53 21.44
CA GLY A 475 -38.10 -12.77 22.65
C GLY A 475 -36.81 -12.46 23.40
N PHE A 476 -36.87 -12.46 24.72
CA PHE A 476 -35.70 -12.15 25.54
C PHE A 476 -34.68 -13.29 25.45
N ASN A 477 -33.39 -12.90 25.51
CA ASN A 477 -32.24 -13.80 25.50
C ASN A 477 -32.16 -14.64 24.23
N CYS A 478 -32.87 -14.24 23.16
CA CYS A 478 -32.86 -14.95 21.88
C CYS A 478 -32.94 -13.89 20.78
N TYR A 479 -31.78 -13.51 20.26
CA TYR A 479 -31.67 -12.44 19.28
C TYR A 479 -31.34 -13.00 17.89
N PHE A 480 -31.71 -12.25 16.87
CA PHE A 480 -31.42 -12.64 15.49
C PHE A 480 -29.93 -12.46 15.21
N PRO A 481 -29.24 -13.51 14.72
CA PRO A 481 -27.80 -13.35 14.41
C PRO A 481 -27.51 -12.43 13.24
N LEU A 482 -28.46 -12.23 12.33
CA LEU A 482 -28.25 -11.40 11.16
C LEU A 482 -28.86 -10.03 11.37
N GLN A 483 -28.07 -8.98 11.14
CA GLN A 483 -28.50 -7.60 11.24
C GLN A 483 -28.15 -6.90 9.95
N SER A 484 -29.04 -6.02 9.49
CA SER A 484 -28.82 -5.31 8.25
C SER A 484 -27.65 -4.33 8.39
N TYR A 485 -26.98 -4.07 7.27
CA TYR A 485 -25.73 -3.33 7.24
C TYR A 485 -26.02 -1.91 6.75
N GLY A 486 -25.63 -0.92 7.54
CA GLY A 486 -25.92 0.47 7.22
C GLY A 486 -24.94 1.09 6.24
N PHE A 487 -25.43 1.47 5.07
CA PHE A 487 -24.61 2.08 4.02
C PHE A 487 -25.32 3.33 3.51
N GLN A 488 -24.87 4.48 3.99
CA GLN A 488 -25.37 5.79 3.60
C GLN A 488 -24.22 6.59 3.02
N PRO A 489 -24.41 7.32 1.91
CA PRO A 489 -23.26 7.88 1.18
C PRO A 489 -22.53 9.03 1.88
N THR A 490 -23.10 9.63 2.93
CA THR A 490 -22.53 10.85 3.50
C THR A 490 -21.92 10.65 4.89
N ASN A 491 -21.52 9.43 5.24
CA ASN A 491 -20.77 9.23 6.48
C ASN A 491 -19.27 9.37 6.22
N GLY A 492 -18.46 9.00 7.22
CA GLY A 492 -17.03 9.16 7.15
C GLY A 492 -16.35 8.12 6.29
N VAL A 493 -15.02 8.21 6.26
CA VAL A 493 -14.23 7.31 5.42
C VAL A 493 -14.37 5.86 5.89
N GLY A 494 -14.30 5.64 7.21
CA GLY A 494 -14.37 4.30 7.75
C GLY A 494 -15.73 3.64 7.65
N TYR A 495 -16.79 4.42 7.40
CA TYR A 495 -18.13 3.86 7.25
C TYR A 495 -18.51 3.59 5.80
N GLN A 496 -17.68 3.97 4.84
CA GLN A 496 -17.96 3.70 3.45
C GLN A 496 -17.77 2.22 3.14
N PRO A 497 -18.51 1.68 2.17
CA PRO A 497 -18.30 0.29 1.77
C PRO A 497 -16.91 0.08 1.18
N TYR A 498 -16.37 -1.12 1.41
CA TYR A 498 -15.02 -1.47 0.99
C TYR A 498 -15.03 -2.90 0.49
N ARG A 499 -15.03 -3.08 -0.84
CA ARG A 499 -14.94 -4.42 -1.40
C ARG A 499 -13.54 -4.99 -1.17
N VAL A 500 -13.48 -6.23 -0.69
CA VAL A 500 -12.23 -6.89 -0.35
C VAL A 500 -12.15 -8.21 -1.11
N VAL A 501 -11.04 -8.43 -1.80
CA VAL A 501 -10.78 -9.67 -2.53
C VAL A 501 -9.55 -10.32 -1.92
N VAL A 502 -9.67 -11.58 -1.53
CA VAL A 502 -8.58 -12.34 -0.92
C VAL A 502 -8.12 -13.40 -1.90
N LEU A 503 -6.83 -13.38 -2.23
CA LEU A 503 -6.23 -14.35 -3.13
C LEU A 503 -5.43 -15.35 -2.31
N SER A 504 -5.65 -16.64 -2.58
CA SER A 504 -5.00 -17.71 -1.84
C SER A 504 -4.06 -18.48 -2.77
N PHE A 505 -2.83 -18.69 -2.33
CA PHE A 505 -1.81 -19.40 -3.09
C PHE A 505 -1.34 -20.60 -2.30
N GLU A 506 -1.36 -21.77 -2.93
CA GLU A 506 -0.83 -22.98 -2.33
C GLU A 506 -0.41 -23.93 -3.43
N LEU A 507 0.48 -24.87 -3.07
CA LEU A 507 1.00 -25.84 -4.02
C LEU A 507 0.82 -27.24 -3.46
N LEU A 508 0.41 -28.16 -4.34
CA LEU A 508 0.22 -29.57 -4.00
C LEU A 508 1.20 -30.42 -4.80
N HIS A 509 1.08 -31.73 -4.67
CA HIS A 509 1.91 -32.67 -5.43
C HIS A 509 1.30 -32.94 -6.80
N ALA A 510 1.19 -31.87 -7.58
CA ALA A 510 0.61 -31.89 -8.91
C ALA A 510 1.42 -30.98 -9.82
N PRO A 511 1.40 -31.22 -11.12
CA PRO A 511 2.06 -30.29 -12.05
C PRO A 511 1.41 -28.91 -12.00
N ALA A 512 2.22 -27.89 -12.23
CA ALA A 512 1.76 -26.51 -12.17
C ALA A 512 0.78 -26.22 -13.30
N THR A 513 -0.33 -25.56 -12.97
CA THR A 513 -1.37 -25.23 -13.94
C THR A 513 -1.29 -23.78 -14.41
N VAL A 514 -1.28 -22.83 -13.48
CA VAL A 514 -1.13 -21.42 -13.82
C VAL A 514 0.28 -20.98 -13.43
N CYS A 515 0.89 -20.13 -14.26
CA CYS A 515 2.25 -19.72 -13.98
C CYS A 515 2.50 -18.39 -14.67
N GLY A 516 3.58 -17.72 -14.27
CA GLY A 516 3.91 -16.41 -14.78
C GLY A 516 4.31 -16.42 -16.24
N PRO A 517 4.11 -15.31 -16.93
CA PRO A 517 4.53 -15.22 -18.33
C PRO A 517 6.05 -15.21 -18.46
N LYS A 518 6.52 -15.70 -19.60
CA LYS A 518 7.95 -15.75 -19.88
C LYS A 518 8.29 -14.94 -21.12
N GLU B 20 23.63 -1.47 -14.49
CA GLU B 20 23.78 -0.08 -14.12
C GLU B 20 22.60 0.75 -14.62
N VAL B 21 22.39 1.91 -14.00
CA VAL B 21 21.31 2.81 -14.39
C VAL B 21 21.85 4.24 -14.39
N GLN B 22 21.45 5.01 -15.39
CA GLN B 22 21.84 6.41 -15.52
C GLN B 22 20.58 7.27 -15.47
N LEU B 23 20.49 8.11 -14.44
CA LEU B 23 19.35 9.01 -14.25
C LEU B 23 19.90 10.43 -14.09
N VAL B 24 20.11 11.11 -15.21
CA VAL B 24 20.58 12.48 -15.22
C VAL B 24 19.43 13.38 -15.69
N GLU B 25 19.47 14.63 -15.24
CA GLU B 25 18.45 15.61 -15.57
C GLU B 25 19.09 16.96 -15.87
N SER B 26 18.30 17.83 -16.50
CA SER B 26 18.77 19.14 -16.97
C SER B 26 17.80 20.23 -16.55
N GLY B 27 17.43 20.22 -15.27
CA GLY B 27 16.52 21.22 -14.76
C GLY B 27 17.14 22.60 -14.69
N GLY B 28 16.28 23.62 -14.67
CA GLY B 28 16.72 24.99 -14.67
C GLY B 28 16.81 25.63 -13.30
N GLY B 29 18.02 25.96 -12.87
CA GLY B 29 18.25 26.63 -11.61
C GLY B 29 18.16 28.14 -11.66
N LEU B 30 17.81 28.71 -12.80
CA LEU B 30 17.70 30.15 -12.94
C LEU B 30 16.47 30.67 -12.19
N VAL B 31 16.58 31.90 -11.68
CA VAL B 31 15.50 32.49 -10.90
C VAL B 31 14.32 32.81 -11.80
N GLN B 32 13.14 32.35 -11.42
CA GLN B 32 11.94 32.52 -12.24
C GLN B 32 10.74 32.68 -11.31
N PRO B 33 10.39 33.92 -10.95
CA PRO B 33 9.24 34.16 -10.07
C PRO B 33 7.93 34.10 -10.85
N GLY B 34 7.15 33.05 -10.60
CA GLY B 34 5.83 32.91 -11.21
C GLY B 34 5.83 32.77 -12.73
N GLY B 35 6.77 32.00 -13.27
CA GLY B 35 6.83 31.81 -14.71
C GLY B 35 6.52 30.39 -15.14
N SER B 36 7.17 29.93 -16.21
CA SER B 36 7.00 28.58 -16.71
C SER B 36 8.38 27.96 -16.92
N LEU B 37 8.63 26.83 -16.27
CA LEU B 37 9.89 26.12 -16.40
C LEU B 37 9.62 24.64 -16.55
N ARG B 38 10.39 23.96 -17.39
CA ARG B 38 10.20 22.55 -17.68
C ARG B 38 11.42 21.76 -17.22
N LEU B 39 11.18 20.63 -16.57
CA LEU B 39 12.22 19.72 -16.11
C LEU B 39 12.14 18.41 -16.88
N SER B 40 13.30 17.90 -17.29
CA SER B 40 13.39 16.62 -17.99
C SER B 40 14.40 15.74 -17.26
N CYS B 41 13.98 14.52 -16.92
CA CYS B 41 14.83 13.55 -16.23
C CYS B 41 15.08 12.39 -17.18
N ALA B 42 16.29 12.33 -17.74
CA ALA B 42 16.63 11.27 -18.69
C ALA B 42 16.84 9.95 -17.97
N ALA B 43 16.52 8.86 -18.66
CA ALA B 43 16.68 7.51 -18.14
C ALA B 43 17.37 6.63 -19.16
N SER B 44 18.17 5.69 -18.67
CA SER B 44 18.89 4.76 -19.53
C SER B 44 19.23 3.51 -18.74
N GLY B 45 19.55 2.44 -19.47
CA GLY B 45 19.95 1.19 -18.87
C GLY B 45 18.84 0.21 -18.58
N PHE B 46 17.58 0.60 -18.80
CA PHE B 46 16.45 -0.29 -18.52
C PHE B 46 15.28 0.12 -19.40
N THR B 47 14.31 -0.78 -19.51
CA THR B 47 13.12 -0.52 -20.31
C THR B 47 12.25 0.53 -19.62
N PHE B 48 11.95 1.61 -20.34
CA PHE B 48 11.25 2.73 -19.73
C PHE B 48 9.77 2.42 -19.52
N SER B 49 9.15 1.75 -20.49
CA SER B 49 7.71 1.51 -20.45
C SER B 49 7.36 0.21 -19.71
N SER B 50 7.93 0.02 -18.52
CA SER B 50 7.59 -1.12 -17.69
C SER B 50 7.41 -0.79 -16.21
N TYR B 51 7.84 0.38 -15.74
CA TYR B 51 7.81 0.72 -14.32
C TYR B 51 7.23 2.12 -14.14
N TRP B 52 6.72 2.35 -12.93
CA TRP B 52 6.15 3.64 -12.57
C TRP B 52 7.24 4.69 -12.40
N MET B 53 6.82 5.95 -12.47
CA MET B 53 7.71 7.09 -12.29
C MET B 53 7.10 8.03 -11.26
N SER B 54 7.94 8.69 -10.48
CA SER B 54 7.46 9.55 -9.40
C SER B 54 8.44 10.68 -9.17
N TRP B 55 7.96 11.72 -8.50
CA TRP B 55 8.77 12.89 -8.16
C TRP B 55 8.69 13.17 -6.66
N VAL B 56 9.86 13.40 -6.05
CA VAL B 56 9.99 13.68 -4.63
C VAL B 56 10.80 14.96 -4.48
N ARG B 57 10.46 15.75 -3.46
CA ARG B 57 11.04 17.07 -3.24
C ARG B 57 11.42 17.25 -1.78
N GLN B 58 12.60 17.82 -1.55
CA GLN B 58 13.07 18.12 -0.20
C GLN B 58 13.43 19.60 -0.11
N ALA B 59 12.94 20.26 0.93
CA ALA B 59 13.29 21.64 1.20
C ALA B 59 14.67 21.73 1.85
N PRO B 60 15.39 22.84 1.66
CA PRO B 60 16.71 22.99 2.30
C PRO B 60 16.59 23.02 3.82
N GLY B 61 17.16 22.00 4.47
CA GLY B 61 17.12 21.89 5.91
C GLY B 61 15.90 21.22 6.48
N LYS B 62 14.93 20.85 5.63
CA LYS B 62 13.72 20.15 6.05
C LYS B 62 13.76 18.73 5.51
N GLY B 63 12.66 18.00 5.73
CA GLY B 63 12.58 16.60 5.37
C GLY B 63 12.04 16.37 3.96
N LEU B 64 11.90 15.08 3.63
CA LEU B 64 11.41 14.68 2.32
C LEU B 64 9.91 14.88 2.21
N GLU B 65 9.45 15.08 0.97
CA GLU B 65 8.02 15.22 0.70
C GLU B 65 7.75 14.71 -0.72
N TRP B 66 6.50 14.34 -0.95
CA TRP B 66 6.06 13.80 -2.22
C TRP B 66 5.30 14.87 -3.02
N VAL B 67 5.51 14.87 -4.33
CA VAL B 67 4.89 15.85 -5.22
C VAL B 67 3.91 15.18 -6.19
N ALA B 68 4.40 14.25 -7.02
CA ALA B 68 3.56 13.66 -8.05
C ALA B 68 4.10 12.29 -8.43
N ASN B 69 3.24 11.51 -9.07
CA ASN B 69 3.61 10.22 -9.63
C ASN B 69 2.75 9.96 -10.88
N ILE B 70 3.26 9.10 -11.75
CA ILE B 70 2.65 8.89 -13.07
C ILE B 70 2.76 7.42 -13.43
N LYS B 71 1.68 6.88 -14.01
CA LYS B 71 1.66 5.49 -14.44
C LYS B 71 2.64 5.27 -15.60
N GLN B 72 2.95 4.00 -15.85
CA GLN B 72 3.94 3.64 -16.86
C GLN B 72 3.47 3.96 -18.28
N ASP B 73 2.17 4.11 -18.50
CA ASP B 73 1.63 4.48 -19.80
C ASP B 73 1.13 5.91 -19.85
N GLY B 74 1.22 6.65 -18.75
CA GLY B 74 0.75 8.03 -18.72
C GLY B 74 -0.74 8.20 -18.55
N SER B 75 -1.48 7.12 -18.30
CA SER B 75 -2.93 7.22 -18.16
C SER B 75 -3.33 7.81 -16.81
N GLU B 76 -2.57 7.54 -15.75
CA GLU B 76 -2.93 7.98 -14.42
C GLU B 76 -1.87 8.95 -13.88
N LYS B 77 -2.33 9.92 -13.09
CA LYS B 77 -1.46 10.91 -12.48
C LYS B 77 -2.13 11.43 -11.21
N TYR B 78 -1.33 11.61 -10.16
CA TYR B 78 -1.85 12.06 -8.88
C TYR B 78 -0.92 13.11 -8.29
N TYR B 79 -1.49 14.01 -7.50
CA TYR B 79 -0.75 15.07 -6.82
C TYR B 79 -1.28 15.19 -5.40
N VAL B 80 -0.87 16.24 -4.70
CA VAL B 80 -1.42 16.58 -3.40
C VAL B 80 -2.17 17.90 -3.53
N ASP B 81 -2.79 18.36 -2.45
CA ASP B 81 -3.68 19.52 -2.53
C ASP B 81 -2.93 20.80 -2.91
N SER B 82 -1.73 20.99 -2.37
CA SER B 82 -1.00 22.24 -2.59
C SER B 82 -0.41 22.32 -4.00
N VAL B 83 0.07 21.19 -4.53
CA VAL B 83 0.77 21.20 -5.81
C VAL B 83 -0.16 21.03 -7.00
N LYS B 84 -1.32 20.40 -6.82
CA LYS B 84 -2.22 20.16 -7.94
C LYS B 84 -2.83 21.48 -8.43
N GLY B 85 -3.20 21.49 -9.71
CA GLY B 85 -3.72 22.67 -10.36
C GLY B 85 -2.69 23.56 -11.00
N ARG B 86 -1.41 23.41 -10.64
CA ARG B 86 -0.34 24.18 -11.25
C ARG B 86 0.78 23.32 -11.83
N PHE B 87 0.79 22.01 -11.56
CA PHE B 87 1.84 21.13 -12.03
C PHE B 87 1.26 20.08 -12.96
N THR B 88 1.87 19.95 -14.13
CA THR B 88 1.53 18.89 -15.07
C THR B 88 2.76 18.03 -15.33
N ILE B 89 2.53 16.76 -15.63
CA ILE B 89 3.63 15.81 -15.82
C ILE B 89 3.20 14.77 -16.85
N SER B 90 4.06 14.52 -17.83
CA SER B 90 3.81 13.54 -18.86
C SER B 90 5.13 12.92 -19.30
N ARG B 91 5.14 11.60 -19.44
CA ARG B 91 6.31 10.86 -19.88
C ARG B 91 6.20 10.50 -21.35
N ASP B 92 7.35 10.22 -21.95
CA ASP B 92 7.43 9.77 -23.34
C ASP B 92 8.33 8.53 -23.37
N ASN B 93 7.70 7.35 -23.47
CA ASN B 93 8.43 6.10 -23.40
C ASN B 93 9.23 5.79 -24.66
N ALA B 94 8.99 6.51 -25.76
CA ALA B 94 9.71 6.25 -26.99
C ALA B 94 11.18 6.67 -26.88
N LYS B 95 11.44 7.82 -26.26
CA LYS B 95 12.78 8.37 -26.15
C LYS B 95 13.42 8.11 -24.79
N ASN B 96 12.80 7.26 -23.96
CA ASN B 96 13.34 6.87 -22.64
C ASN B 96 13.59 8.08 -21.74
N SER B 97 12.64 9.01 -21.73
CA SER B 97 12.78 10.22 -20.93
C SER B 97 11.40 10.69 -20.48
N LEU B 98 11.40 11.52 -19.44
CA LEU B 98 10.18 12.06 -18.85
C LEU B 98 10.29 13.56 -18.74
N TYR B 99 9.14 14.24 -18.75
CA TYR B 99 9.09 15.70 -18.67
C TYR B 99 8.10 16.13 -17.59
N LEU B 100 8.42 17.23 -16.92
CA LEU B 100 7.55 17.86 -15.94
C LEU B 100 7.53 19.35 -16.20
N GLN B 101 6.34 19.93 -16.28
CA GLN B 101 6.16 21.35 -16.55
C GLN B 101 5.30 21.97 -15.46
N MET B 102 5.76 23.10 -14.91
CA MET B 102 5.04 23.80 -13.86
C MET B 102 4.83 25.26 -14.25
N ASN B 103 3.80 25.86 -13.68
CA ASN B 103 3.49 27.27 -13.90
C ASN B 103 2.96 27.88 -12.62
N SER B 104 3.03 29.21 -12.54
CA SER B 104 2.60 30.00 -11.38
C SER B 104 3.33 29.56 -10.11
N LEU B 105 4.64 29.77 -10.12
CA LEU B 105 5.49 29.44 -8.98
C LEU B 105 5.20 30.38 -7.81
N ARG B 106 5.53 29.92 -6.61
CA ARG B 106 5.34 30.72 -5.40
C ARG B 106 6.62 30.65 -4.57
N ALA B 107 6.52 31.15 -3.34
CA ALA B 107 7.71 31.34 -2.50
C ALA B 107 8.26 30.04 -1.92
N GLU B 108 7.38 29.08 -1.61
CA GLU B 108 7.82 27.85 -0.94
C GLU B 108 8.41 26.82 -1.90
N ASP B 109 8.49 27.13 -3.18
CA ASP B 109 8.98 26.19 -4.18
C ASP B 109 10.51 26.14 -4.25
N THR B 110 11.21 26.88 -3.40
CA THR B 110 12.67 26.83 -3.34
C THR B 110 13.11 25.50 -2.74
N ALA B 111 13.48 24.55 -3.59
CA ALA B 111 13.86 23.22 -3.15
C ALA B 111 14.64 22.54 -4.26
N VAL B 112 15.03 21.29 -4.02
CA VAL B 112 15.76 20.47 -4.98
C VAL B 112 14.85 19.31 -5.37
N TYR B 113 14.60 19.16 -6.68
CA TYR B 113 13.65 18.18 -7.17
C TYR B 113 14.37 16.93 -7.64
N TYR B 114 13.90 15.78 -7.18
CA TYR B 114 14.49 14.48 -7.52
C TYR B 114 13.47 13.65 -8.29
N CYS B 115 13.89 13.09 -9.43
CA CYS B 115 13.06 12.18 -10.19
C CYS B 115 13.30 10.75 -9.70
N ALA B 116 12.22 10.03 -9.45
CA ALA B 116 12.30 8.72 -8.81
C ALA B 116 11.53 7.69 -9.63
N ARG B 117 11.94 6.43 -9.49
CA ARG B 117 11.35 5.30 -10.19
C ARG B 117 10.83 4.29 -9.19
N GLY B 118 9.80 3.54 -9.60
CA GLY B 118 9.12 2.61 -8.72
C GLY B 118 9.61 1.18 -8.92
N GLN B 119 9.74 0.47 -7.80
CA GLN B 119 10.23 -0.91 -7.86
C GLN B 119 9.18 -1.85 -8.43
N LEU B 120 7.93 -1.70 -8.00
CA LEU B 120 6.86 -2.55 -8.48
C LEU B 120 5.62 -1.77 -8.90
N GLY B 121 5.45 -0.54 -8.43
CA GLY B 121 4.28 0.26 -8.72
C GLY B 121 4.15 1.40 -7.73
N PRO B 122 2.93 1.69 -7.29
CA PRO B 122 2.75 2.69 -6.22
C PRO B 122 2.87 2.15 -4.81
N TRP B 123 3.11 0.85 -4.63
CA TRP B 123 3.04 0.24 -3.32
C TRP B 123 4.40 0.17 -2.63
N VAL B 124 5.35 -0.54 -3.25
CA VAL B 124 6.63 -0.81 -2.59
C VAL B 124 7.46 0.45 -2.47
N GLY B 125 7.57 1.22 -3.55
CA GLY B 125 8.21 2.52 -3.47
C GLY B 125 9.46 2.61 -4.32
N VAL B 126 10.24 3.65 -4.04
CA VAL B 126 11.41 3.99 -4.85
C VAL B 126 12.50 2.95 -4.69
N ASP B 127 13.20 2.66 -5.79
CA ASP B 127 14.36 1.78 -5.78
C ASP B 127 15.64 2.43 -6.31
N TYR B 128 15.53 3.38 -7.24
CA TYR B 128 16.68 4.07 -7.81
C TYR B 128 16.47 5.57 -7.68
N TRP B 129 17.52 6.27 -7.25
CA TRP B 129 17.47 7.69 -6.91
C TRP B 129 18.25 8.50 -7.93
N GLY B 130 17.69 9.65 -8.31
CA GLY B 130 18.33 10.53 -9.27
C GLY B 130 19.29 11.51 -8.64
N GLN B 131 20.03 12.21 -9.52
CA GLN B 131 21.01 13.18 -9.03
C GLN B 131 20.33 14.44 -8.51
N GLY B 132 19.40 15.01 -9.27
CA GLY B 132 18.66 16.16 -8.81
C GLY B 132 19.26 17.50 -9.18
N THR B 133 18.40 18.46 -9.54
CA THR B 133 18.81 19.84 -9.77
C THR B 133 18.13 20.76 -8.79
N LEU B 134 18.86 21.76 -8.32
CA LEU B 134 18.34 22.73 -7.37
C LEU B 134 17.64 23.85 -8.14
N VAL B 135 16.39 24.13 -7.74
CA VAL B 135 15.58 25.17 -8.37
C VAL B 135 15.34 26.27 -7.34
N THR B 136 15.69 27.50 -7.71
CA THR B 136 15.57 28.65 -6.83
C THR B 136 14.62 29.66 -7.45
N VAL B 137 13.60 30.07 -6.68
CA VAL B 137 12.64 31.07 -7.11
C VAL B 137 12.64 32.22 -6.09
N SER B 138 12.81 33.43 -6.59
CA SER B 138 12.89 34.61 -5.74
C SER B 138 12.60 35.84 -6.60
N SER B 139 12.64 37.01 -5.97
CA SER B 139 12.40 38.26 -6.67
C SER B 139 13.50 39.28 -6.36
N ASN C 18 -4.96 12.93 5.87
CA ASN C 18 -4.23 13.43 7.02
C ASN C 18 -3.44 12.31 7.70
N PHE C 19 -2.75 11.50 6.89
CA PHE C 19 -1.95 10.39 7.41
C PHE C 19 -0.54 10.87 7.74
N MET C 20 -0.49 11.74 8.75
CA MET C 20 0.79 12.27 9.20
C MET C 20 1.56 11.20 9.97
N LEU C 21 2.87 11.13 9.71
CA LEU C 21 3.75 10.17 10.37
C LEU C 21 4.60 10.91 11.40
N THR C 22 4.63 10.39 12.62
CA THR C 22 5.34 11.01 13.73
C THR C 22 6.68 10.29 13.92
N GLN C 23 7.77 11.05 13.85
CA GLN C 23 9.11 10.52 14.04
C GLN C 23 9.89 11.52 14.88
N PRO C 24 10.64 11.05 15.89
CA PRO C 24 11.48 11.96 16.67
C PRO C 24 12.64 12.46 15.84
N HIS C 25 13.28 13.52 16.34
CA HIS C 25 14.45 14.10 15.70
C HIS C 25 15.66 13.93 16.60
N SER C 26 16.76 13.43 16.03
CA SER C 26 18.03 13.24 16.75
C SER C 26 17.88 12.37 17.98
N VAL C 27 17.15 11.26 17.84
CA VAL C 27 16.94 10.33 18.95
C VAL C 27 18.08 9.33 19.10
N SER C 28 18.96 9.22 18.11
CA SER C 28 20.09 8.29 18.15
C SER C 28 21.35 9.08 18.50
N GLU C 29 21.77 8.98 19.76
CA GLU C 29 22.96 9.67 20.24
C GLU C 29 23.95 8.71 20.87
N SER C 30 24.01 7.47 20.37
CA SER C 30 24.90 6.45 20.90
C SER C 30 26.06 6.23 19.95
N PRO C 31 27.30 6.53 20.34
CA PRO C 31 28.45 6.15 19.52
C PRO C 31 28.52 4.67 19.20
N GLY C 32 28.14 3.81 20.15
CA GLY C 32 28.17 2.38 19.94
C GLY C 32 26.86 1.70 20.29
N LYS C 33 26.94 0.41 20.62
CA LYS C 33 25.79 -0.44 20.97
C LYS C 33 24.86 -0.51 19.75
N THR C 34 23.57 -0.67 19.98
CA THR C 34 22.59 -0.81 18.91
C THR C 34 21.74 0.45 18.79
N VAL C 35 21.07 0.58 17.65
CA VAL C 35 20.25 1.74 17.33
C VAL C 35 18.81 1.28 17.15
N THR C 36 17.87 2.07 17.66
CA THR C 36 16.45 1.82 17.46
C THR C 36 15.75 3.11 17.08
N ILE C 37 15.02 3.08 15.97
CA ILE C 37 14.27 4.23 15.47
C ILE C 37 12.84 3.77 15.22
N SER C 38 11.87 4.52 15.77
CA SER C 38 10.46 4.19 15.64
C SER C 38 9.71 5.34 14.98
N CYS C 39 8.89 5.01 13.99
CA CYS C 39 8.03 5.98 13.32
C CYS C 39 6.61 5.41 13.27
N THR C 40 5.65 6.19 13.78
CA THR C 40 4.28 5.73 13.92
C THR C 40 3.35 6.57 13.06
N GLY C 41 2.10 6.10 12.94
CA GLY C 41 1.07 6.78 12.21
C GLY C 41 -0.04 7.29 13.13
N SER C 42 -0.86 8.18 12.56
CA SER C 42 -1.93 8.83 13.31
C SER C 42 -3.31 8.52 12.77
N SER C 43 -3.52 8.65 11.46
CA SER C 43 -4.86 8.51 10.91
C SER C 43 -5.33 7.06 10.91
N GLY C 44 -4.46 6.14 10.53
CA GLY C 44 -4.85 4.75 10.43
C GLY C 44 -3.74 3.77 10.77
N SER C 45 -4.01 2.48 10.58
CA SER C 45 -3.02 1.45 10.87
C SER C 45 -1.94 1.43 9.80
N ILE C 46 -0.68 1.49 10.23
CA ILE C 46 0.43 1.45 9.29
C ILE C 46 0.79 0.04 8.86
N ALA C 47 0.19 -0.98 9.49
CA ALA C 47 0.44 -2.37 9.13
C ALA C 47 -0.38 -2.82 7.92
N SER C 48 -1.30 -1.99 7.44
CA SER C 48 -2.08 -2.36 6.26
C SER C 48 -1.25 -2.25 4.99
N ASN C 49 -0.36 -1.26 4.92
CA ASN C 49 0.48 -1.04 3.76
C ASN C 49 1.96 -1.17 4.14
N TYR C 50 2.81 -1.31 3.14
CA TYR C 50 4.23 -1.44 3.37
C TYR C 50 4.84 -0.10 3.78
N VAL C 51 5.73 -0.15 4.78
CA VAL C 51 6.44 1.03 5.27
C VAL C 51 7.94 0.75 5.19
N GLN C 52 8.68 1.69 4.61
CA GLN C 52 10.10 1.53 4.33
C GLN C 52 10.88 2.73 4.85
N TRP C 53 12.19 2.59 4.87
CA TRP C 53 13.11 3.65 5.28
C TRP C 53 14.11 3.91 4.16
N TYR C 54 14.45 5.17 3.96
CA TYR C 54 15.40 5.58 2.93
C TYR C 54 16.60 6.24 3.59
N GLN C 55 17.80 5.75 3.27
CA GLN C 55 19.03 6.30 3.83
C GLN C 55 19.50 7.44 2.94
N GLN C 56 19.65 8.63 3.52
CA GLN C 56 19.91 9.84 2.77
C GLN C 56 21.21 10.47 3.28
N ARG C 57 22.12 10.79 2.36
CA ARG C 57 23.38 11.43 2.68
C ARG C 57 23.29 12.89 2.24
N PRO C 58 23.14 13.84 3.16
CA PRO C 58 23.05 15.25 2.76
C PRO C 58 24.28 15.71 1.98
N GLY C 59 24.03 16.45 0.92
CA GLY C 59 25.06 16.75 -0.06
C GLY C 59 25.30 15.65 -1.07
N SER C 60 24.45 14.64 -1.12
CA SER C 60 24.63 13.50 -2.02
C SER C 60 23.28 12.86 -2.28
N ALA C 61 23.27 11.91 -3.23
CA ALA C 61 22.06 11.20 -3.61
C ALA C 61 21.72 10.14 -2.57
N PRO C 62 20.43 9.90 -2.32
CA PRO C 62 20.04 8.87 -1.36
C PRO C 62 20.07 7.49 -1.99
N THR C 63 19.89 6.47 -1.15
CA THR C 63 19.77 5.09 -1.59
C THR C 63 18.80 4.36 -0.67
N THR C 64 18.29 3.24 -1.16
CA THR C 64 17.32 2.45 -0.41
C THR C 64 18.07 1.48 0.50
N VAL C 65 17.88 1.63 1.81
CA VAL C 65 18.53 0.74 2.77
C VAL C 65 17.66 -0.48 3.08
N ILE C 66 16.36 -0.29 3.19
CA ILE C 66 15.42 -1.38 3.48
C ILE C 66 14.11 -1.11 2.76
N TYR C 67 13.58 -2.12 2.09
CA TYR C 67 12.35 -2.02 1.33
C TYR C 67 11.36 -3.08 1.80
N GLU C 68 10.10 -2.86 1.45
CA GLU C 68 8.94 -3.67 1.87
C GLU C 68 8.89 -3.68 3.40
N ASP C 69 8.37 -4.76 3.98
CA ASP C 69 8.34 -4.86 5.44
C ASP C 69 9.72 -5.20 5.99
N ASN C 70 10.25 -6.37 5.62
CA ASN C 70 11.63 -6.75 5.97
C ASN C 70 12.22 -7.46 4.75
N GLN C 71 12.82 -6.67 3.86
CA GLN C 71 13.48 -7.19 2.66
C GLN C 71 14.70 -6.33 2.40
N ARG C 72 15.88 -6.92 2.51
CA ARG C 72 17.12 -6.17 2.31
C ARG C 72 17.54 -6.20 0.85
N PRO C 73 17.79 -5.05 0.24
CA PRO C 73 18.23 -5.03 -1.17
C PRO C 73 19.64 -5.55 -1.31
N SER C 74 20.02 -5.82 -2.55
CA SER C 74 21.36 -6.32 -2.85
C SER C 74 22.40 -5.22 -2.59
N GLY C 75 23.50 -5.62 -1.95
CA GLY C 75 24.56 -4.70 -1.59
C GLY C 75 24.41 -4.06 -0.24
N VAL C 76 23.22 -4.09 0.34
CA VAL C 76 23.00 -3.54 1.67
C VAL C 76 23.51 -4.54 2.72
N PRO C 77 24.33 -4.11 3.68
CA PRO C 77 24.85 -5.04 4.69
C PRO C 77 23.74 -5.59 5.57
N ASP C 78 23.98 -6.77 6.12
CA ASP C 78 23.00 -7.49 6.93
C ASP C 78 22.80 -6.88 8.31
N ARG C 79 23.60 -5.87 8.68
CA ARG C 79 23.43 -5.22 9.99
C ARG C 79 22.08 -4.51 10.09
N PHE C 80 21.62 -3.92 8.99
CA PHE C 80 20.33 -3.23 9.00
C PHE C 80 19.19 -4.24 9.06
N SER C 81 18.23 -3.99 9.95
CA SER C 81 17.06 -4.85 10.08
C SER C 81 15.92 -4.04 10.67
N GLY C 82 14.70 -4.55 10.48
CA GLY C 82 13.52 -3.86 10.96
C GLY C 82 12.49 -4.83 11.52
N SER C 83 11.43 -4.27 12.08
CA SER C 83 10.35 -5.05 12.65
C SER C 83 9.06 -4.24 12.57
N ILE C 84 7.94 -4.95 12.67
CA ILE C 84 6.61 -4.35 12.60
C ILE C 84 5.86 -4.73 13.88
N ASP C 85 5.37 -3.73 14.60
CA ASP C 85 4.58 -3.93 15.81
C ASP C 85 3.22 -3.27 15.62
N SER C 86 2.16 -4.06 15.74
CA SER C 86 0.80 -3.55 15.57
C SER C 86 0.19 -3.03 16.87
N SER C 87 0.85 -3.25 18.01
CA SER C 87 0.32 -2.77 19.27
C SER C 87 0.43 -1.24 19.37
N SER C 88 1.59 -0.69 19.03
CA SER C 88 1.82 0.74 19.08
C SER C 88 1.67 1.42 17.73
N ASN C 89 1.32 0.67 16.68
CA ASN C 89 1.13 1.19 15.32
C ASN C 89 2.39 1.91 14.82
N SER C 90 3.55 1.31 15.05
CA SER C 90 4.82 1.91 14.70
C SER C 90 5.72 0.88 14.04
N ALA C 91 6.65 1.38 13.23
CA ALA C 91 7.64 0.56 12.55
C ALA C 91 9.03 0.86 13.12
N SER C 92 9.82 -0.18 13.33
CA SER C 92 11.12 -0.07 13.97
C SER C 92 12.24 -0.34 12.97
N LEU C 93 13.38 0.31 13.21
CA LEU C 93 14.59 0.13 12.42
C LEU C 93 15.76 -0.11 13.36
N THR C 94 16.54 -1.15 13.08
CA THR C 94 17.63 -1.56 13.94
C THR C 94 18.93 -1.65 13.14
N ILE C 95 19.98 -1.04 13.68
CA ILE C 95 21.32 -1.10 13.09
C ILE C 95 22.24 -1.79 14.10
N SER C 96 23.03 -2.74 13.62
CA SER C 96 23.86 -3.56 14.50
C SER C 96 25.31 -3.10 14.56
N GLY C 97 25.97 -2.93 13.41
CA GLY C 97 27.38 -2.62 13.42
C GLY C 97 27.69 -1.22 13.95
N LEU C 98 26.94 -0.22 13.47
CA LEU C 98 27.12 1.18 13.84
C LEU C 98 28.55 1.66 13.58
N LYS C 99 28.92 1.67 12.30
CA LYS C 99 30.20 2.18 11.88
C LYS C 99 30.08 3.67 11.56
N THR C 100 31.16 4.26 11.05
CA THR C 100 31.16 5.68 10.71
C THR C 100 30.37 5.97 9.43
N GLU C 101 30.13 4.96 8.60
CA GLU C 101 29.40 5.14 7.35
C GLU C 101 27.90 5.34 7.57
N ASP C 102 27.39 4.98 8.74
CA ASP C 102 25.95 4.97 9.02
C ASP C 102 25.38 6.36 9.29
N GLU C 103 26.14 7.44 9.07
CA GLU C 103 25.65 8.78 9.32
C GLU C 103 24.68 9.14 8.20
N ALA C 104 23.41 9.31 8.54
CA ALA C 104 22.35 9.58 7.58
C ALA C 104 21.11 10.04 8.32
N ASP C 105 20.10 10.47 7.57
CA ASP C 105 18.77 10.75 8.10
C ASP C 105 17.78 9.88 7.37
N TYR C 106 17.01 9.09 8.12
CA TYR C 106 16.09 8.11 7.57
C TYR C 106 14.66 8.61 7.67
N TYR C 107 13.93 8.53 6.55
CA TYR C 107 12.55 8.98 6.47
C TYR C 107 11.64 7.77 6.27
N CYS C 108 10.61 7.66 7.10
CA CYS C 108 9.65 6.57 6.96
C CYS C 108 8.59 6.96 5.92
N GLN C 109 8.40 6.08 4.93
CA GLN C 109 7.46 6.32 3.84
C GLN C 109 6.41 5.23 3.85
N SER C 110 5.13 5.64 3.79
CA SER C 110 4.01 4.72 3.81
C SER C 110 3.05 5.07 2.68
N TYR C 111 2.27 4.07 2.26
CA TYR C 111 1.34 4.24 1.17
C TYR C 111 -0.03 4.67 1.68
N ASP C 112 -0.66 5.58 0.94
CA ASP C 112 -2.03 5.99 1.18
C ASP C 112 -2.80 5.90 -0.13
N SER C 113 -4.13 6.07 -0.04
CA SER C 113 -5.01 5.94 -1.20
C SER C 113 -4.71 7.07 -2.18
N SER C 114 -4.02 6.72 -3.28
CA SER C 114 -3.60 7.66 -4.33
C SER C 114 -2.78 8.82 -3.75
N ASN C 115 -1.96 8.52 -2.76
CA ASN C 115 -1.13 9.52 -2.11
C ASN C 115 0.08 8.85 -1.46
N TRP C 116 1.11 9.64 -1.22
CA TRP C 116 2.32 9.19 -0.55
C TRP C 116 2.66 10.13 0.59
N VAL C 117 3.12 9.56 1.71
CA VAL C 117 3.49 10.34 2.88
C VAL C 117 4.98 10.14 3.15
N PHE C 118 5.54 11.02 3.97
CA PHE C 118 6.96 10.97 4.29
C PHE C 118 7.18 11.44 5.72
N GLY C 119 8.15 10.83 6.39
CA GLY C 119 8.45 11.17 7.76
C GLY C 119 9.34 12.39 7.90
N GLY C 120 9.45 12.85 9.15
CA GLY C 120 10.28 14.01 9.43
C GLY C 120 11.77 13.74 9.25
N GLY C 121 12.22 12.57 9.66
CA GLY C 121 13.63 12.23 9.55
C GLY C 121 14.34 12.23 10.89
N THR C 122 15.35 11.36 11.00
CA THR C 122 16.13 11.22 12.21
C THR C 122 17.60 11.44 11.88
N GLN C 123 18.16 12.57 12.32
CA GLN C 123 19.56 12.86 12.09
C GLN C 123 20.42 11.99 13.00
N LEU C 124 21.16 11.05 12.40
CA LEU C 124 22.01 10.13 13.14
C LEU C 124 23.39 10.76 13.29
N THR C 125 23.74 11.13 14.52
CA THR C 125 25.05 11.68 14.83
C THR C 125 25.89 10.65 15.60
N VAL C 126 27.20 10.79 15.51
CA VAL C 126 28.11 9.85 16.16
C VAL C 126 29.30 10.60 16.73
#